data_7SI4
#
_entry.id   7SI4
#
_cell.length_a   57.658
_cell.length_b   85.279
_cell.length_c   91.236
_cell.angle_alpha   90.000
_cell.angle_beta   90.000
_cell.angle_gamma   90.000
#
_symmetry.space_group_name_H-M   'P 21 21 21'
#
loop_
_entity.id
_entity.type
_entity.pdbx_description
1 polymer 'Polycomb protein EED'
2 non-polymer (4S)-8-{4-[(dimethylamino)methyl]-2-methylphenyl}-5-{[(5-fluoro-2,3-dihydro-1-benzofuran-4-yl)methyl]amino}imidazo[1,2-c]pyrimidine-2-carbonitrile
3 non-polymer 'FORMIC ACID'
4 water water
#
_entity_poly.entity_id   1
_entity_poly.type   'polypeptide(L)'
_entity_poly.pdbx_seq_one_letter_code
;DAVSIESGTNTERPDTPTNTPNAPGRKSWGKGKWKSKKCKYSFKCVNSLKEDHNQPLFGVQFNWHSKEGDPLVFATVGSN
RVTLYECHSQGEIRLLQSYVDADADENFYTCAWTYDSNTSHPLLAVAGSRGIIRIINPITMQCIKHYVGHGNAINELKFH
PRDPNLLLSVSKDHALRLWNIQTDTLVAIFGGVEGHRDEVLSADYDLLGEKIMSCGMDHSLKLWRINSKRMMNAIKESYD
YNPNKTNRPFISQKIHFPDFSTRDIHRNYVDCVRWLGDLILSKSCENAIVCWKPGKMEDDIDKIKPSESNVTILGRFDYS
QCDIWYMRFSMDFWQKMLALGNQVGKLYVWDLEVEDPHKAKCTTLTHHKCGAAIRQTSFSRDSSILIAVCDDASIWRWDR
LR
;
_entity_poly.pdbx_strand_id   A
#
loop_
_chem_comp.id
_chem_comp.type
_chem_comp.name
_chem_comp.formula
9JL non-polymer (4S)-8-{4-[(dimethylamino)methyl]-2-methylphenyl}-5-{[(5-fluoro-2,3-dihydro-1-benzofuran-4-yl)methyl]amino}imidazo[1,2-c]pyrimidine-2-carbonitrile 'C26 H25 F N6 O'
FMT non-polymer 'FORMIC ACID' 'C H2 O2'
#
# COMPACT_ATOMS: atom_id res chain seq x y z
N SER A 42 -19.72 7.89 11.78
CA SER A 42 -20.95 8.47 11.27
C SER A 42 -20.95 8.56 9.75
N PHE A 43 -20.72 7.43 9.09
CA PHE A 43 -20.71 7.37 7.64
C PHE A 43 -22.05 6.85 7.11
N LYS A 44 -22.43 7.34 5.94
CA LYS A 44 -23.65 6.92 5.27
C LYS A 44 -23.31 6.52 3.85
N CYS A 45 -23.90 5.42 3.38
CA CYS A 45 -23.64 4.95 2.02
C CYS A 45 -24.48 5.77 1.04
N VAL A 46 -23.82 6.50 0.16
CA VAL A 46 -24.51 7.48 -0.69
C VAL A 46 -24.57 7.06 -2.16
N ASN A 47 -23.75 6.11 -2.60
CA ASN A 47 -23.78 5.70 -4.00
C ASN A 47 -22.99 4.41 -4.12
N SER A 48 -23.17 3.77 -5.28
CA SER A 48 -22.41 2.58 -5.64
C SER A 48 -22.45 2.45 -7.16
N LEU A 49 -21.45 1.75 -7.69
CA LEU A 49 -21.45 1.40 -9.12
C LEU A 49 -20.59 0.16 -9.29
N LYS A 50 -20.59 -0.36 -10.52
CA LYS A 50 -19.87 -1.58 -10.87
C LYS A 50 -19.19 -1.39 -12.22
N GLU A 51 -17.99 -1.94 -12.36
CA GLU A 51 -17.21 -1.84 -13.59
C GLU A 51 -17.55 -3.00 -14.52
N ASP A 52 -17.50 -2.73 -15.83
CA ASP A 52 -18.07 -3.66 -16.81
C ASP A 52 -17.28 -4.94 -16.97
N HIS A 53 -16.06 -5.03 -16.41
CA HIS A 53 -15.29 -6.26 -16.57
C HIS A 53 -15.72 -7.38 -15.64
N ASN A 54 -16.43 -7.05 -14.55
CA ASN A 54 -16.96 -8.02 -13.59
C ASN A 54 -15.86 -8.84 -12.91
N GLN A 55 -14.63 -8.34 -12.92
CA GLN A 55 -13.49 -8.93 -12.23
C GLN A 55 -13.28 -8.23 -10.90
N PRO A 56 -12.59 -8.87 -9.96
CA PRO A 56 -12.28 -8.20 -8.69
C PRO A 56 -11.52 -6.90 -8.87
N LEU A 57 -11.93 -5.89 -8.10
CA LEU A 57 -11.10 -4.70 -7.88
C LEU A 57 -10.22 -4.97 -6.67
N PHE A 58 -8.90 -5.00 -6.88
CA PHE A 58 -7.98 -5.35 -5.82
C PHE A 58 -7.37 -4.15 -5.12
N GLY A 59 -7.53 -2.96 -5.66
CA GLY A 59 -6.93 -1.78 -5.07
C GLY A 59 -7.74 -0.53 -5.36
N VAL A 60 -7.70 0.39 -4.41
CA VAL A 60 -8.31 1.71 -4.57
C VAL A 60 -7.46 2.72 -3.80
N GLN A 61 -7.26 3.90 -4.38
CA GLN A 61 -6.44 4.94 -3.75
C GLN A 61 -6.96 6.31 -4.17
N PHE A 62 -7.36 7.12 -3.19
CA PHE A 62 -7.59 8.53 -3.46
C PHE A 62 -6.27 9.21 -3.78
N ASN A 63 -6.33 10.20 -4.66
CA ASN A 63 -5.17 11.05 -4.92
C ASN A 63 -5.09 12.11 -3.81
N TRP A 64 -4.20 11.88 -2.84
CA TRP A 64 -3.96 12.86 -1.79
C TRP A 64 -3.05 14.00 -2.24
N HIS A 65 -2.51 13.94 -3.45
CA HIS A 65 -1.71 15.02 -4.00
C HIS A 65 -2.52 15.96 -4.89
N SER A 66 -3.84 15.91 -4.82
CA SER A 66 -4.65 16.80 -5.65
C SER A 66 -4.57 18.22 -5.10
N LYS A 67 -4.56 19.19 -6.01
CA LYS A 67 -4.39 20.59 -5.61
C LYS A 67 -5.67 21.15 -5.00
N GLU A 68 -5.50 22.27 -4.28
CA GLU A 68 -6.63 22.93 -3.64
C GLU A 68 -7.66 23.35 -4.68
N GLY A 69 -8.93 23.13 -4.36
CA GLY A 69 -10.02 23.47 -5.26
C GLY A 69 -10.34 22.43 -6.30
N ASP A 70 -9.41 21.51 -6.59
CA ASP A 70 -9.72 20.45 -7.54
C ASP A 70 -10.62 19.40 -6.89
N PRO A 71 -11.44 18.71 -7.68
CA PRO A 71 -12.33 17.70 -7.09
C PRO A 71 -11.54 16.49 -6.63
N LEU A 72 -12.12 15.79 -5.67
CA LEU A 72 -11.50 14.59 -5.12
C LEU A 72 -11.57 13.45 -6.13
N VAL A 73 -10.41 12.86 -6.42
CA VAL A 73 -10.27 11.82 -7.43
C VAL A 73 -9.69 10.57 -6.77
N PHE A 74 -10.21 9.40 -7.14
CA PHE A 74 -9.59 8.14 -6.76
C PHE A 74 -9.43 7.22 -7.97
N ALA A 75 -8.47 6.31 -7.87
CA ALA A 75 -8.24 5.28 -8.87
C ALA A 75 -8.64 3.91 -8.33
N THR A 76 -9.19 3.06 -9.21
CA THR A 76 -9.39 1.65 -8.93
C THR A 76 -8.49 0.83 -9.84
N VAL A 77 -8.03 -0.32 -9.36
CA VAL A 77 -7.31 -1.28 -10.19
C VAL A 77 -7.98 -2.65 -10.08
N GLY A 78 -8.13 -3.30 -11.22
CA GLY A 78 -8.65 -4.65 -11.30
C GLY A 78 -8.67 -5.05 -12.75
N SER A 79 -8.71 -6.37 -12.97
CA SER A 79 -8.50 -6.91 -14.31
C SER A 79 -7.19 -6.35 -14.86
N ASN A 80 -7.17 -5.96 -16.14
CA ASN A 80 -5.98 -5.31 -16.71
C ASN A 80 -6.18 -3.81 -16.85
N ARG A 81 -6.88 -3.22 -15.87
CA ARG A 81 -7.43 -1.88 -16.01
C ARG A 81 -7.11 -1.01 -14.81
N VAL A 82 -6.91 0.27 -15.08
CA VAL A 82 -6.89 1.33 -14.07
C VAL A 82 -7.95 2.34 -14.45
N THR A 83 -8.77 2.76 -13.48
CA THR A 83 -9.87 3.68 -13.74
C THR A 83 -9.84 4.83 -12.72
N LEU A 84 -10.06 6.05 -13.21
CA LEU A 84 -10.14 7.23 -12.37
C LEU A 84 -11.59 7.69 -12.27
N TYR A 85 -12.00 8.06 -11.05
CA TYR A 85 -13.34 8.58 -10.79
C TYR A 85 -13.22 9.89 -10.02
N GLU A 86 -14.22 10.74 -10.19
CA GLU A 86 -14.30 12.02 -9.50
C GLU A 86 -15.52 12.01 -8.60
N CYS A 87 -15.35 12.48 -7.37
CA CYS A 87 -16.42 12.55 -6.39
C CYS A 87 -17.08 13.93 -6.39
N HIS A 88 -18.40 13.95 -6.52
CA HIS A 88 -19.16 15.19 -6.55
C HIS A 88 -20.31 15.11 -5.54
N SER A 89 -21.03 16.22 -5.41
CA SER A 89 -22.13 16.31 -4.46
C SER A 89 -23.22 15.31 -4.81
N GLN A 90 -24.12 15.09 -3.85
CA GLN A 90 -25.21 14.11 -3.97
C GLN A 90 -24.68 12.71 -4.25
N GLY A 91 -23.46 12.43 -3.78
CA GLY A 91 -22.89 11.10 -3.91
C GLY A 91 -22.43 10.73 -5.30
N GLU A 92 -22.48 11.65 -6.26
CA GLU A 92 -22.13 11.31 -7.63
C GLU A 92 -20.68 10.84 -7.74
N ILE A 93 -20.49 9.74 -8.45
CA ILE A 93 -19.18 9.21 -8.79
C ILE A 93 -19.05 9.34 -10.30
N ARG A 94 -18.30 10.33 -10.77
CA ARG A 94 -18.18 10.61 -12.19
C ARG A 94 -17.04 9.78 -12.78
N LEU A 95 -17.35 8.98 -13.81
CA LEU A 95 -16.33 8.21 -14.50
C LEU A 95 -15.50 9.12 -15.41
N LEU A 96 -14.18 9.03 -15.28
CA LEU A 96 -13.31 9.86 -16.11
C LEU A 96 -12.74 9.05 -17.27
N GLN A 97 -11.62 8.35 -17.03
CA GLN A 97 -10.92 7.67 -18.10
C GLN A 97 -10.16 6.48 -17.52
N SER A 98 -9.91 5.47 -18.34
CA SER A 98 -9.21 4.28 -17.91
C SER A 98 -7.94 4.06 -18.72
N TYR A 99 -6.98 3.36 -18.11
CA TYR A 99 -5.85 2.78 -18.81
C TYR A 99 -6.03 1.28 -18.86
N VAL A 100 -6.05 0.72 -20.06
CA VAL A 100 -6.16 -0.73 -20.28
C VAL A 100 -4.82 -1.23 -20.81
N ASP A 101 -4.18 -2.10 -20.03
CA ASP A 101 -2.91 -2.70 -20.43
C ASP A 101 -3.06 -3.42 -21.77
N ALA A 102 -1.98 -3.40 -22.56
CA ALA A 102 -2.00 -4.10 -23.84
C ALA A 102 -2.10 -5.61 -23.67
N ASP A 103 -1.52 -6.14 -22.59
CA ASP A 103 -1.64 -7.55 -22.26
C ASP A 103 -3.00 -7.80 -21.63
N ALA A 104 -3.89 -8.50 -22.34
CA ALA A 104 -5.19 -8.85 -21.76
C ALA A 104 -5.06 -9.75 -20.54
N ASP A 105 -3.90 -10.41 -20.36
CA ASP A 105 -3.68 -11.31 -19.23
C ASP A 105 -3.04 -10.62 -18.03
N GLU A 106 -2.69 -9.35 -18.14
CA GLU A 106 -2.23 -8.60 -16.98
C GLU A 106 -3.35 -8.52 -15.94
N ASN A 107 -2.97 -8.57 -14.66
CA ASN A 107 -3.94 -8.38 -13.58
C ASN A 107 -3.31 -7.42 -12.57
N PHE A 108 -3.81 -6.18 -12.54
CA PHE A 108 -3.24 -5.17 -11.65
C PHE A 108 -3.68 -5.43 -10.21
N TYR A 109 -2.69 -5.41 -9.30
CA TYR A 109 -2.92 -5.72 -7.90
C TYR A 109 -2.87 -4.51 -6.99
N THR A 110 -2.24 -3.41 -7.44
CA THR A 110 -1.88 -2.35 -6.53
C THR A 110 -1.66 -1.06 -7.32
N CYS A 111 -1.86 0.07 -6.67
CA CYS A 111 -1.53 1.35 -7.27
C CYS A 111 -1.16 2.35 -6.17
N ALA A 112 -0.51 3.43 -6.57
CA ALA A 112 -0.11 4.48 -5.64
C ALA A 112 0.15 5.77 -6.40
N TRP A 113 -0.19 6.89 -5.76
CA TRP A 113 -0.03 8.21 -6.35
C TRP A 113 1.27 8.87 -5.89
N THR A 114 1.87 9.63 -6.80
CA THR A 114 2.95 10.55 -6.46
C THR A 114 2.73 11.79 -7.32
N TYR A 115 3.74 12.64 -7.44
CA TYR A 115 3.69 13.70 -8.43
C TYR A 115 5.05 13.76 -9.12
N ASP A 116 5.03 14.24 -10.36
CA ASP A 116 6.27 14.50 -11.06
C ASP A 116 7.04 15.58 -10.35
N SER A 117 8.30 15.29 -10.02
CA SER A 117 9.04 16.12 -9.07
C SER A 117 9.24 17.54 -9.60
N ASN A 118 9.44 17.69 -10.90
CA ASN A 118 9.70 19.00 -11.47
C ASN A 118 8.43 19.78 -11.79
N THR A 119 7.35 19.11 -12.22
CA THR A 119 6.18 19.79 -12.75
C THR A 119 5.00 19.83 -11.80
N SER A 120 5.01 19.03 -10.74
CA SER A 120 3.97 19.00 -9.72
C SER A 120 2.71 18.28 -10.18
N HIS A 121 2.65 17.89 -11.43
CA HIS A 121 1.49 17.15 -11.87
C HIS A 121 1.48 15.76 -11.24
N PRO A 122 0.33 15.29 -10.78
CA PRO A 122 0.27 13.97 -10.17
C PRO A 122 0.61 12.87 -11.15
N LEU A 123 1.12 11.76 -10.60
CA LEU A 123 1.42 10.55 -11.34
C LEU A 123 0.81 9.37 -10.60
N LEU A 124 0.52 8.32 -11.35
CA LEU A 124 -0.09 7.10 -10.80
C LEU A 124 0.75 5.91 -11.21
N ALA A 125 1.22 5.15 -10.23
CA ALA A 125 1.99 3.94 -10.49
C ALA A 125 1.10 2.72 -10.26
N VAL A 126 1.14 1.77 -11.19
CA VAL A 126 0.32 0.56 -11.08
C VAL A 126 1.19 -0.64 -11.39
N ALA A 127 0.79 -1.79 -10.85
CA ALA A 127 1.54 -3.03 -11.08
C ALA A 127 0.68 -4.21 -10.65
N GLY A 128 1.08 -5.40 -11.10
CA GLY A 128 0.33 -6.59 -10.78
C GLY A 128 0.99 -7.89 -11.22
N SER A 129 0.18 -8.76 -11.84
CA SER A 129 0.65 -10.14 -12.08
CA SER A 129 0.63 -10.14 -12.10
C SER A 129 1.87 -10.18 -12.98
N ARG A 130 1.95 -9.29 -13.98
CA ARG A 130 3.10 -9.36 -14.88
C ARG A 130 4.41 -8.91 -14.23
N GLY A 131 4.36 -8.32 -13.04
CA GLY A 131 5.59 -7.87 -12.38
C GLY A 131 6.21 -6.63 -12.98
N ILE A 132 5.42 -5.81 -13.66
CA ILE A 132 5.91 -4.63 -14.36
C ILE A 132 5.28 -3.39 -13.74
N ILE A 133 6.11 -2.43 -13.35
CA ILE A 133 5.60 -1.15 -12.85
C ILE A 133 5.33 -0.23 -14.02
N ARG A 134 4.11 0.33 -14.07
CA ARG A 134 3.75 1.31 -15.08
C ARG A 134 3.47 2.65 -14.42
N ILE A 135 3.99 3.71 -15.01
CA ILE A 135 3.80 5.07 -14.54
C ILE A 135 2.82 5.74 -15.49
N ILE A 136 1.64 6.10 -14.97
CA ILE A 136 0.53 6.59 -15.79
CA ILE A 136 0.52 6.58 -15.77
C ILE A 136 0.34 8.08 -15.53
N ASN A 137 0.16 8.83 -16.60
CA ASN A 137 -0.22 10.23 -16.56
C ASN A 137 -1.73 10.29 -16.30
N PRO A 138 -2.16 10.74 -15.12
CA PRO A 138 -3.59 10.69 -14.79
C PRO A 138 -4.46 11.61 -15.63
N ILE A 139 -3.87 12.59 -16.31
CA ILE A 139 -4.66 13.51 -17.12
C ILE A 139 -5.09 12.84 -18.41
N THR A 140 -4.13 12.25 -19.14
CA THR A 140 -4.36 11.60 -20.42
C THR A 140 -4.46 10.09 -20.31
N MET A 141 -4.13 9.50 -19.15
CA MET A 141 -4.05 8.06 -18.94
C MET A 141 -3.03 7.39 -19.87
N GLN A 142 -2.05 8.16 -20.35
CA GLN A 142 -0.91 7.59 -21.07
C GLN A 142 0.06 6.91 -20.11
N CYS A 143 0.62 5.78 -20.54
CA CYS A 143 1.72 5.17 -19.81
C CYS A 143 2.99 5.91 -20.18
N ILE A 144 3.61 6.57 -19.21
CA ILE A 144 4.77 7.41 -19.47
C ILE A 144 6.04 6.58 -19.57
N LYS A 145 6.18 5.57 -18.72
CA LYS A 145 7.35 4.71 -18.70
C LYS A 145 7.02 3.51 -17.82
N HIS A 146 7.91 2.52 -17.85
CA HIS A 146 7.69 1.30 -17.08
C HIS A 146 9.02 0.76 -16.56
N TYR A 147 8.94 -0.04 -15.50
CA TYR A 147 10.11 -0.62 -14.84
C TYR A 147 9.94 -2.13 -14.77
N VAL A 148 10.90 -2.84 -15.35
CA VAL A 148 10.96 -4.29 -15.34
C VAL A 148 12.11 -4.71 -14.44
N GLY A 149 11.99 -5.88 -13.82
CA GLY A 149 13.08 -6.40 -13.03
C GLY A 149 12.63 -7.52 -12.13
N HIS A 150 11.51 -7.32 -11.45
CA HIS A 150 11.00 -8.35 -10.55
C HIS A 150 10.73 -9.64 -11.31
N GLY A 151 10.95 -10.76 -10.63
CA GLY A 151 10.82 -12.08 -11.22
C GLY A 151 9.43 -12.65 -11.22
N ASN A 152 8.47 -11.92 -10.65
CA ASN A 152 7.09 -12.39 -10.60
C ASN A 152 6.21 -11.19 -10.24
N ALA A 153 4.96 -11.49 -9.85
CA ALA A 153 3.97 -10.46 -9.62
C ALA A 153 4.43 -9.44 -8.59
N ILE A 154 3.97 -8.21 -8.74
CA ILE A 154 4.15 -7.17 -7.74
C ILE A 154 2.86 -7.06 -6.94
N ASN A 155 2.99 -7.12 -5.61
CA ASN A 155 1.82 -7.15 -4.74
C ASN A 155 1.48 -5.81 -4.11
N GLU A 156 2.46 -4.91 -3.96
CA GLU A 156 2.15 -3.58 -3.46
C GLU A 156 3.20 -2.57 -3.91
N LEU A 157 2.73 -1.33 -4.11
CA LEU A 157 3.60 -0.19 -4.37
C LEU A 157 3.38 0.87 -3.29
N LYS A 158 4.48 1.51 -2.88
CA LYS A 158 4.43 2.60 -1.91
C LYS A 158 5.47 3.65 -2.27
N PHE A 159 5.08 4.92 -2.17
CA PHE A 159 5.99 6.03 -2.37
C PHE A 159 6.53 6.54 -1.04
N HIS A 160 7.81 6.92 -1.05
CA HIS A 160 8.48 7.46 0.13
C HIS A 160 7.70 8.68 0.64
N PRO A 161 7.56 8.84 1.97
CA PRO A 161 6.70 9.92 2.49
C PRO A 161 7.27 11.32 2.32
N ARG A 162 8.58 11.47 2.17
CA ARG A 162 9.17 12.78 1.93
C ARG A 162 9.72 12.96 0.52
N ASP A 163 10.04 11.89 -0.19
CA ASP A 163 10.61 11.96 -1.53
C ASP A 163 9.66 11.35 -2.55
N PRO A 164 9.01 12.15 -3.40
CA PRO A 164 8.05 11.59 -4.37
C PRO A 164 8.67 10.75 -5.48
N ASN A 165 9.99 10.69 -5.59
CA ASN A 165 10.60 9.88 -6.63
C ASN A 165 10.94 8.47 -6.18
N LEU A 166 10.86 8.16 -4.89
CA LEU A 166 11.33 6.88 -4.37
C LEU A 166 10.15 5.92 -4.25
N LEU A 167 10.12 4.93 -5.14
CA LEU A 167 9.00 3.99 -5.24
C LEU A 167 9.45 2.62 -4.75
N LEU A 168 8.71 2.07 -3.79
CA LEU A 168 8.96 0.75 -3.23
C LEU A 168 8.00 -0.27 -3.85
N SER A 169 8.55 -1.38 -4.33
CA SER A 169 7.73 -2.47 -4.85
C SER A 169 8.00 -3.74 -4.07
N VAL A 170 6.96 -4.53 -3.81
CA VAL A 170 7.10 -5.81 -3.13
C VAL A 170 6.56 -6.90 -4.04
N SER A 171 7.27 -8.02 -4.12
CA SER A 171 7.03 -8.97 -5.19
C SER A 171 6.85 -10.40 -4.70
N LYS A 172 6.09 -11.15 -5.49
CA LYS A 172 5.97 -12.59 -5.39
C LYS A 172 7.33 -13.29 -5.51
N ASP A 173 8.36 -12.61 -6.04
CA ASP A 173 9.69 -13.21 -6.18
C ASP A 173 10.51 -13.17 -4.90
N HIS A 174 9.90 -12.81 -3.77
CA HIS A 174 10.45 -12.83 -2.40
C HIS A 174 11.23 -11.56 -2.06
N ALA A 175 11.23 -10.54 -2.92
CA ALA A 175 12.10 -9.38 -2.78
C ALA A 175 11.30 -8.08 -2.75
N LEU A 176 11.94 -7.05 -2.18
CA LEU A 176 11.55 -5.66 -2.31
C LEU A 176 12.57 -4.92 -3.16
N ARG A 177 12.09 -3.96 -3.94
CA ARG A 177 12.95 -3.11 -4.76
C ARG A 177 12.61 -1.66 -4.50
N LEU A 178 13.65 -0.83 -4.40
CA LEU A 178 13.51 0.62 -4.28
C LEU A 178 13.97 1.25 -5.59
N TRP A 179 13.06 2.00 -6.23
CA TRP A 179 13.30 2.64 -7.51
C TRP A 179 13.31 4.16 -7.35
N ASN A 180 14.13 4.83 -8.17
CA ASN A 180 14.14 6.28 -8.31
C ASN A 180 13.52 6.58 -9.68
N ILE A 181 12.28 7.05 -9.67
CA ILE A 181 11.54 7.22 -10.92
C ILE A 181 11.80 8.60 -11.51
N GLN A 182 12.79 9.31 -10.97
CA GLN A 182 13.30 10.51 -11.61
C GLN A 182 14.44 10.19 -12.56
N THR A 183 15.43 9.41 -12.11
CA THR A 183 16.51 8.98 -12.98
C THR A 183 16.31 7.58 -13.52
N ASP A 184 15.18 6.94 -13.22
CA ASP A 184 14.83 5.63 -13.77
C ASP A 184 15.86 4.57 -13.36
N THR A 185 16.25 4.60 -12.09
CA THR A 185 17.30 3.75 -11.56
C THR A 185 16.77 2.83 -10.48
N LEU A 186 17.25 1.59 -10.49
CA LEU A 186 17.01 0.66 -9.40
C LEU A 186 18.03 0.93 -8.29
N VAL A 187 17.55 1.44 -7.14
CA VAL A 187 18.46 1.82 -6.07
C VAL A 187 18.92 0.61 -5.26
N ALA A 188 17.99 -0.29 -4.91
CA ALA A 188 18.33 -1.37 -4.01
C ALA A 188 17.37 -2.54 -4.20
N ILE A 189 17.87 -3.73 -3.90
CA ILE A 189 17.07 -4.96 -3.86
C ILE A 189 17.14 -5.50 -2.43
N PHE A 190 15.99 -5.67 -1.77
CA PHE A 190 15.93 -6.23 -0.42
C PHE A 190 15.49 -7.68 -0.52
N GLY A 191 16.43 -8.61 -0.32
CA GLY A 191 16.16 -10.02 -0.52
C GLY A 191 17.12 -10.94 0.21
N GLY A 192 17.59 -12.01 -0.45
CA GLY A 192 18.56 -12.92 0.13
C GLY A 192 17.94 -14.08 0.89
N VAL A 193 18.81 -14.98 1.36
CA VAL A 193 18.30 -16.12 2.11
C VAL A 193 17.70 -15.68 3.44
N GLU A 194 18.24 -14.60 4.03
CA GLU A 194 17.66 -14.02 5.25
C GLU A 194 16.64 -12.93 4.95
N GLY A 195 16.43 -12.59 3.69
CA GLY A 195 15.23 -11.87 3.33
C GLY A 195 14.04 -12.81 3.39
N HIS A 196 12.92 -12.36 2.83
CA HIS A 196 11.74 -13.21 2.82
C HIS A 196 12.01 -14.50 2.04
N ARG A 197 11.38 -15.59 2.48
CA ARG A 197 11.56 -16.89 1.87
C ARG A 197 10.33 -17.34 1.10
N ASP A 198 9.34 -16.46 0.97
CA ASP A 198 8.12 -16.70 0.20
C ASP A 198 7.62 -15.35 -0.31
N GLU A 199 6.49 -15.38 -1.02
CA GLU A 199 5.95 -14.17 -1.64
C GLU A 199 5.76 -13.06 -0.63
N VAL A 200 6.21 -11.85 -0.99
CA VAL A 200 6.05 -10.67 -0.16
C VAL A 200 4.73 -10.00 -0.53
N LEU A 201 3.91 -9.69 0.46
CA LEU A 201 2.56 -9.23 0.20
C LEU A 201 2.34 -7.76 0.50
N SER A 202 3.11 -7.18 1.41
CA SER A 202 2.88 -5.81 1.84
C SER A 202 4.18 -5.24 2.39
N ALA A 203 4.29 -3.91 2.35
CA ALA A 203 5.34 -3.18 3.04
C ALA A 203 4.89 -1.75 3.25
N ASP A 204 5.62 -1.05 4.11
CA ASP A 204 5.25 0.32 4.46
C ASP A 204 6.46 1.06 5.00
N TYR A 205 6.59 2.31 4.60
CA TYR A 205 7.58 3.24 5.14
C TYR A 205 7.07 3.80 6.47
N ASP A 206 8.01 4.08 7.38
CA ASP A 206 7.64 4.81 8.58
C ASP A 206 7.40 6.28 8.21
N LEU A 207 7.08 7.07 9.24
CA LEU A 207 6.65 8.45 9.03
C LEU A 207 7.71 9.27 8.28
N LEU A 208 8.96 9.17 8.73
CA LEU A 208 10.04 10.00 8.20
C LEU A 208 10.72 9.38 6.99
N GLY A 209 10.32 8.18 6.59
CA GLY A 209 10.98 7.54 5.47
C GLY A 209 12.36 7.00 5.78
N GLU A 210 12.59 6.60 7.04
CA GLU A 210 13.89 6.09 7.41
C GLU A 210 13.95 4.56 7.42
N LYS A 211 12.80 3.89 7.46
CA LYS A 211 12.81 2.45 7.56
C LYS A 211 11.55 1.90 6.90
N ILE A 212 11.62 0.63 6.55
CA ILE A 212 10.57 -0.09 5.87
C ILE A 212 10.27 -1.34 6.69
N MET A 213 8.99 -1.66 6.84
CA MET A 213 8.57 -2.96 7.37
C MET A 213 7.85 -3.69 6.26
N SER A 214 8.18 -4.96 6.06
CA SER A 214 7.58 -5.78 5.01
C SER A 214 7.05 -7.07 5.60
N CYS A 215 6.19 -7.76 4.86
CA CYS A 215 5.59 -8.97 5.38
C CYS A 215 5.10 -9.83 4.22
N GLY A 216 4.87 -11.10 4.51
CA GLY A 216 4.36 -11.98 3.46
C GLY A 216 4.03 -13.40 3.85
N MET A 217 4.21 -14.31 2.88
CA MET A 217 3.70 -15.66 3.02
C MET A 217 4.55 -16.53 3.94
N ASP A 218 5.76 -16.09 4.29
CA ASP A 218 6.59 -16.84 5.23
C ASP A 218 6.26 -16.52 6.68
N HIS A 219 5.14 -15.85 6.93
CA HIS A 219 4.62 -15.46 8.24
C HIS A 219 5.46 -14.39 8.92
N SER A 220 6.50 -13.85 8.26
CA SER A 220 7.44 -12.96 8.92
C SER A 220 7.17 -11.49 8.61
N LEU A 221 7.60 -10.64 9.54
CA LEU A 221 7.64 -9.20 9.34
C LEU A 221 9.10 -8.77 9.46
N LYS A 222 9.62 -8.04 8.47
CA LYS A 222 11.03 -7.73 8.42
C LYS A 222 11.23 -6.22 8.31
N LEU A 223 12.10 -5.68 9.15
CA LEU A 223 12.48 -4.28 9.13
C LEU A 223 13.70 -4.09 8.22
N TRP A 224 13.66 -3.04 7.39
CA TRP A 224 14.79 -2.69 6.55
C TRP A 224 15.05 -1.19 6.70
N ARG A 225 16.20 -0.84 7.28
CA ARG A 225 16.53 0.55 7.50
C ARG A 225 17.13 1.15 6.22
N ILE A 226 16.62 2.32 5.82
CA ILE A 226 17.14 2.99 4.63
C ILE A 226 17.77 4.34 4.96
N ASN A 227 18.02 4.61 6.23
CA ASN A 227 18.81 5.76 6.65
C ASN A 227 20.24 5.39 7.01
N SER A 228 20.65 4.17 6.69
CA SER A 228 22.05 3.79 6.86
C SER A 228 22.92 4.60 5.89
N LYS A 229 24.20 4.76 6.27
CA LYS A 229 25.13 5.47 5.41
C LYS A 229 25.14 4.86 4.01
N ARG A 230 25.08 3.53 3.92
CA ARG A 230 25.10 2.86 2.64
C ARG A 230 23.89 3.24 1.79
N MET A 231 22.68 3.12 2.36
CA MET A 231 21.47 3.40 1.60
C MET A 231 21.32 4.89 1.29
N MET A 232 21.69 5.77 2.21
CA MET A 232 21.63 7.20 1.92
C MET A 232 22.56 7.57 0.77
N ASN A 233 23.77 7.01 0.78
CA ASN A 233 24.72 7.25 -0.30
C ASN A 233 24.19 6.68 -1.61
N ALA A 234 23.56 5.51 -1.56
CA ALA A 234 22.98 4.92 -2.76
C ALA A 234 21.91 5.83 -3.36
N ILE A 235 21.03 6.37 -2.52
CA ILE A 235 19.99 7.27 -2.99
C ILE A 235 20.61 8.50 -3.65
N LYS A 236 21.64 9.07 -3.02
CA LYS A 236 22.32 10.22 -3.60
C LYS A 236 22.92 9.87 -4.95
N GLU A 237 23.61 8.73 -5.04
CA GLU A 237 24.18 8.31 -6.31
C GLU A 237 23.10 8.08 -7.36
N SER A 238 21.91 7.61 -6.95
CA SER A 238 20.85 7.41 -7.93
C SER A 238 20.42 8.72 -8.56
N TYR A 239 20.46 9.81 -7.80
CA TYR A 239 20.13 11.13 -8.35
C TYR A 239 21.25 11.70 -9.21
N ASP A 240 22.50 11.37 -8.92
CA ASP A 240 23.59 11.86 -9.75
C ASP A 240 23.81 11.03 -11.00
N TYR A 241 23.04 9.96 -11.21
CA TYR A 241 23.25 9.09 -12.35
C TYR A 241 22.50 9.60 -13.57
N ASN A 242 23.25 9.88 -14.63
CA ASN A 242 22.69 10.24 -15.94
C ASN A 242 23.35 9.34 -16.96
N PRO A 243 22.64 8.37 -17.53
CA PRO A 243 23.30 7.40 -18.42
C PRO A 243 23.88 8.02 -19.68
N ASN A 244 23.41 9.20 -20.08
CA ASN A 244 23.97 9.87 -21.25
C ASN A 244 25.29 10.57 -20.95
N LYS A 245 25.64 10.73 -19.69
CA LYS A 245 26.88 11.40 -19.30
C LYS A 245 27.92 10.43 -18.76
N THR A 246 27.70 9.12 -18.91
CA THR A 246 28.58 8.13 -18.31
C THR A 246 28.53 6.83 -19.09
N ASN A 247 29.54 5.99 -18.86
CA ASN A 247 29.60 4.67 -19.46
C ASN A 247 29.09 3.56 -18.54
N ARG A 248 28.98 3.82 -17.26
CA ARG A 248 28.65 2.76 -16.32
C ARG A 248 27.13 2.53 -16.26
N PRO A 249 26.71 1.29 -16.00
CA PRO A 249 25.36 1.08 -15.50
C PRO A 249 25.26 1.64 -14.09
N PHE A 250 24.04 1.80 -13.61
CA PHE A 250 23.85 2.15 -12.22
C PHE A 250 23.88 0.88 -11.37
N ILE A 251 24.74 0.84 -10.37
CA ILE A 251 24.86 -0.34 -9.52
C ILE A 251 23.81 -0.26 -8.42
N SER A 252 22.98 -1.30 -8.32
CA SER A 252 21.99 -1.38 -7.26
C SER A 252 22.63 -1.96 -6.01
N GLN A 253 22.07 -1.60 -4.85
CA GLN A 253 22.47 -2.24 -3.61
C GLN A 253 21.75 -3.57 -3.46
N LYS A 254 22.48 -4.58 -3.00
CA LYS A 254 21.91 -5.89 -2.67
C LYS A 254 21.87 -5.99 -1.15
N ILE A 255 20.68 -5.78 -0.59
CA ILE A 255 20.47 -5.83 0.85
C ILE A 255 19.92 -7.21 1.19
N HIS A 256 20.74 -8.04 1.83
CA HIS A 256 20.38 -9.43 2.12
C HIS A 256 20.07 -9.68 3.60
N PHE A 257 20.16 -8.68 4.45
CA PHE A 257 19.92 -8.93 5.87
C PHE A 257 19.01 -7.86 6.47
N PRO A 258 17.81 -8.21 6.89
CA PRO A 258 16.93 -7.24 7.53
C PRO A 258 17.52 -6.77 8.86
N ASP A 259 17.02 -5.63 9.34
CA ASP A 259 17.47 -5.08 10.61
C ASP A 259 16.63 -5.58 11.79
N PHE A 260 15.59 -6.35 11.51
CA PHE A 260 14.75 -7.05 12.48
C PHE A 260 13.87 -8.02 11.71
N SER A 261 13.53 -9.14 12.36
CA SER A 261 12.65 -10.13 11.77
C SER A 261 11.91 -10.86 12.87
N THR A 262 10.61 -11.07 12.67
CA THR A 262 9.84 -11.87 13.62
C THR A 262 8.80 -12.68 12.88
N ARG A 263 8.55 -13.90 13.38
CA ARG A 263 7.47 -14.75 12.94
C ARG A 263 6.48 -15.03 14.06
N ASP A 264 6.54 -14.23 15.13
CA ASP A 264 5.79 -14.51 16.36
C ASP A 264 4.49 -13.74 16.46
N ILE A 265 4.14 -12.94 15.45
CA ILE A 265 2.93 -12.11 15.51
C ILE A 265 1.72 -12.86 14.96
N HIS A 266 1.89 -13.53 13.82
CA HIS A 266 0.82 -14.27 13.18
C HIS A 266 1.28 -15.69 12.89
N ARG A 267 0.30 -16.57 12.64
CA ARG A 267 0.57 -17.96 12.31
C ARG A 267 0.17 -18.31 10.88
N ASN A 268 0.00 -17.32 10.01
CA ASN A 268 -0.34 -17.58 8.61
C ASN A 268 0.14 -16.42 7.77
N TYR A 269 -0.29 -16.37 6.50
CA TYR A 269 0.10 -15.30 5.59
C TYR A 269 -0.19 -13.93 6.21
N VAL A 270 0.81 -13.06 6.22
CA VAL A 270 0.66 -11.68 6.67
C VAL A 270 0.53 -10.81 5.42
N ASP A 271 -0.69 -10.34 5.13
CA ASP A 271 -0.96 -9.70 3.84
C ASP A 271 -1.16 -8.18 3.93
N CYS A 272 -0.85 -7.54 5.05
CA CYS A 272 -0.92 -6.10 5.12
C CYS A 272 -0.17 -5.61 6.35
N VAL A 273 0.59 -4.53 6.18
CA VAL A 273 1.39 -3.97 7.28
C VAL A 273 1.44 -2.45 7.13
N ARG A 274 1.27 -1.75 8.24
CA ARG A 274 1.39 -0.28 8.28
C ARG A 274 2.03 0.14 9.59
N TRP A 275 2.87 1.18 9.52
CA TRP A 275 3.36 1.85 10.71
C TRP A 275 2.27 2.71 11.34
N LEU A 276 2.28 2.79 12.67
CA LEU A 276 1.47 3.73 13.44
C LEU A 276 2.42 4.37 14.44
N GLY A 277 3.15 5.38 13.98
CA GLY A 277 4.23 5.91 14.78
C GLY A 277 5.39 4.93 14.79
N ASP A 278 5.88 4.62 15.99
CA ASP A 278 6.88 3.57 16.15
C ASP A 278 6.25 2.19 16.28
N LEU A 279 4.93 2.09 16.32
CA LEU A 279 4.25 0.81 16.41
C LEU A 279 3.90 0.28 15.02
N ILE A 280 3.58 -1.01 14.95
CA ILE A 280 3.23 -1.69 13.71
C ILE A 280 1.80 -2.21 13.84
N LEU A 281 1.02 -2.04 12.77
CA LEU A 281 -0.25 -2.72 12.59
C LEU A 281 -0.09 -3.76 11.47
N SER A 282 -0.38 -5.02 11.76
CA SER A 282 -0.29 -6.06 10.74
C SER A 282 -1.44 -7.03 10.92
N LYS A 283 -1.86 -7.64 9.81
CA LYS A 283 -2.98 -8.58 9.85
C LYS A 283 -2.61 -9.86 9.11
N SER A 284 -3.25 -10.96 9.52
CA SER A 284 -3.21 -12.18 8.74
C SER A 284 -4.61 -12.49 8.19
N CYS A 285 -4.91 -13.76 7.96
CA CYS A 285 -6.26 -14.19 7.64
C CYS A 285 -6.97 -14.78 8.86
N GLU A 286 -6.56 -14.40 10.07
CA GLU A 286 -7.10 -14.95 11.30
C GLU A 286 -8.11 -14.02 11.96
N ASN A 287 -8.72 -13.11 11.18
CA ASN A 287 -9.72 -12.17 11.69
C ASN A 287 -9.15 -11.26 12.77
N ALA A 288 -7.94 -10.72 12.53
CA ALA A 288 -7.23 -10.00 13.57
C ALA A 288 -6.21 -9.04 12.96
N ILE A 289 -6.29 -7.77 13.34
CA ILE A 289 -5.19 -6.83 13.18
C ILE A 289 -4.47 -6.75 14.52
N VAL A 290 -3.17 -6.97 14.51
CA VAL A 290 -2.37 -6.97 15.72
C VAL A 290 -1.56 -5.68 15.78
N CYS A 291 -1.58 -5.02 16.93
CA CYS A 291 -0.71 -3.88 17.18
C CYS A 291 0.46 -4.34 18.04
N TRP A 292 1.68 -4.16 17.54
CA TRP A 292 2.85 -4.68 18.22
C TRP A 292 4.04 -3.78 17.93
N LYS A 293 5.13 -4.02 18.66
CA LYS A 293 6.39 -3.35 18.43
C LYS A 293 7.53 -4.34 18.59
N PRO A 294 8.63 -4.16 17.87
CA PRO A 294 9.80 -4.99 18.12
C PRO A 294 10.38 -4.74 19.50
N GLY A 295 11.02 -5.78 20.05
CA GLY A 295 11.66 -5.69 21.34
C GLY A 295 10.66 -5.74 22.49
N LYS A 296 11.16 -5.39 23.68
CA LYS A 296 10.30 -5.34 24.86
C LYS A 296 9.55 -4.00 24.91
N MET A 297 8.79 -3.80 25.99
CA MET A 297 7.83 -2.70 26.04
C MET A 297 8.51 -1.34 25.92
N GLU A 298 9.67 -1.17 26.56
CA GLU A 298 10.35 0.11 26.63
C GLU A 298 11.49 0.25 25.64
N ASP A 299 11.64 -0.71 24.72
CA ASP A 299 12.75 -0.67 23.77
C ASP A 299 12.48 0.30 22.64
N ASP A 300 13.42 1.23 22.41
CA ASP A 300 13.29 2.18 21.31
C ASP A 300 13.48 1.47 19.98
N ILE A 301 12.66 1.86 19.00
CA ILE A 301 12.68 1.21 17.70
C ILE A 301 14.05 1.33 17.02
N ASP A 302 14.72 2.47 17.22
CA ASP A 302 16.02 2.68 16.59
C ASP A 302 17.18 2.08 17.40
N LYS A 303 16.91 1.53 18.58
CA LYS A 303 17.91 0.76 19.32
C LYS A 303 17.81 -0.74 19.05
N ILE A 304 16.82 -1.16 18.25
CA ILE A 304 16.63 -2.58 17.96
C ILE A 304 17.78 -3.09 17.09
N LYS A 305 18.29 -4.27 17.43
CA LYS A 305 19.37 -4.93 16.70
C LYS A 305 18.82 -6.10 15.88
N PRO A 306 19.48 -6.49 14.79
CA PRO A 306 18.94 -7.56 13.93
C PRO A 306 18.75 -8.90 14.64
N SER A 307 19.38 -9.11 15.79
CA SER A 307 19.24 -10.34 16.57
C SER A 307 18.13 -10.26 17.62
N GLU A 308 17.39 -9.16 17.68
CA GLU A 308 16.30 -9.02 18.65
C GLU A 308 15.29 -10.14 18.47
N SER A 309 15.03 -10.88 19.57
CA SER A 309 14.13 -12.03 19.51
C SER A 309 12.79 -11.81 20.20
N ASN A 310 12.54 -10.62 20.77
CA ASN A 310 11.30 -10.36 21.49
C ASN A 310 10.43 -9.38 20.73
N VAL A 311 9.11 -9.51 20.93
CA VAL A 311 8.14 -8.54 20.47
C VAL A 311 7.17 -8.27 21.62
N THR A 312 6.44 -7.17 21.52
CA THR A 312 5.46 -6.78 22.53
C THR A 312 4.13 -6.54 21.85
N ILE A 313 3.08 -7.24 22.29
CA ILE A 313 1.74 -7.10 21.74
C ILE A 313 0.98 -6.05 22.53
N LEU A 314 0.53 -5.00 21.86
CA LEU A 314 -0.17 -3.90 22.49
C LEU A 314 -1.68 -3.94 22.29
N GLY A 315 -2.17 -4.93 21.56
CA GLY A 315 -3.61 -5.07 21.37
C GLY A 315 -3.90 -5.86 20.12
N ARG A 316 -5.19 -6.17 19.95
CA ARG A 316 -5.65 -6.89 18.78
C ARG A 316 -7.06 -6.41 18.45
N PHE A 317 -7.27 -6.03 17.20
CA PHE A 317 -8.57 -5.58 16.71
C PHE A 317 -9.20 -6.73 15.94
N ASP A 318 -10.12 -7.45 16.58
CA ASP A 318 -10.80 -8.57 15.94
C ASP A 318 -12.00 -8.10 15.11
N TYR A 319 -12.46 -9.00 14.26
CA TYR A 319 -13.62 -8.77 13.39
C TYR A 319 -14.07 -10.14 12.89
N SER A 320 -15.07 -10.15 12.03
CA SER A 320 -15.69 -11.40 11.57
C SER A 320 -15.50 -11.59 10.07
N GLN A 321 -15.43 -12.85 9.66
CA GLN A 321 -15.57 -13.30 8.26
C GLN A 321 -14.58 -12.60 7.32
N CYS A 322 -13.30 -12.74 7.62
CA CYS A 322 -12.23 -12.14 6.81
C CYS A 322 -11.02 -13.08 6.83
N ASP A 323 -11.28 -14.34 6.49
CA ASP A 323 -10.29 -15.42 6.56
C ASP A 323 -9.90 -15.92 5.17
N ILE A 324 -9.99 -15.05 4.16
CA ILE A 324 -9.40 -15.31 2.86
C ILE A 324 -8.14 -14.48 2.76
N TRP A 325 -7.23 -14.90 1.89
CA TRP A 325 -6.02 -14.12 1.69
C TRP A 325 -6.30 -12.92 0.80
N TYR A 326 -5.44 -11.90 0.95
CA TYR A 326 -5.34 -10.74 0.08
C TYR A 326 -6.44 -9.71 0.39
N MET A 327 -6.45 -9.21 1.62
CA MET A 327 -7.34 -8.14 2.04
C MET A 327 -6.48 -7.09 2.75
N ARG A 328 -6.64 -5.83 2.35
CA ARG A 328 -5.88 -4.73 2.93
C ARG A 328 -6.73 -3.91 3.88
N PHE A 329 -6.11 -3.43 4.95
CA PHE A 329 -6.70 -2.33 5.71
C PHE A 329 -5.99 -1.04 5.32
N SER A 330 -6.65 0.09 5.59
CA SER A 330 -6.10 1.39 5.25
CA SER A 330 -6.09 1.39 5.26
C SER A 330 -6.40 2.37 6.38
N MET A 331 -5.63 3.45 6.40
CA MET A 331 -5.78 4.53 7.37
C MET A 331 -5.99 5.84 6.62
N ASP A 332 -6.57 6.80 7.31
CA ASP A 332 -6.72 8.12 6.72
C ASP A 332 -5.37 8.84 6.74
N PHE A 333 -5.37 10.07 6.22
CA PHE A 333 -4.14 10.85 6.12
C PHE A 333 -3.54 11.11 7.50
N TRP A 334 -4.36 11.49 8.47
CA TRP A 334 -3.83 11.83 9.78
C TRP A 334 -3.58 10.61 10.66
N GLN A 335 -3.92 9.42 10.18
CA GLN A 335 -3.82 8.19 10.96
C GLN A 335 -4.66 8.25 12.23
N LYS A 336 -5.82 8.91 12.13
CA LYS A 336 -6.84 8.88 13.18
C LYS A 336 -7.79 7.70 13.04
N MET A 337 -7.90 7.12 11.84
CA MET A 337 -8.91 6.11 11.56
C MET A 337 -8.28 4.95 10.82
N LEU A 338 -8.87 3.78 11.03
CA LEU A 338 -8.41 2.53 10.43
C LEU A 338 -9.64 1.83 9.84
N ALA A 339 -9.54 1.40 8.59
CA ALA A 339 -10.67 0.77 7.91
C ALA A 339 -10.24 -0.57 7.33
N LEU A 340 -11.16 -1.54 7.39
CA LEU A 340 -10.98 -2.88 6.86
C LEU A 340 -12.34 -3.41 6.41
N GLY A 341 -12.40 -4.01 5.22
CA GLY A 341 -13.58 -4.73 4.80
C GLY A 341 -13.40 -6.22 4.98
N ASN A 342 -14.51 -6.95 5.05
CA ASN A 342 -14.43 -8.40 5.18
C ASN A 342 -14.99 -9.06 3.91
N GLN A 343 -15.07 -10.39 3.94
CA GLN A 343 -15.38 -11.14 2.73
C GLN A 343 -16.86 -11.22 2.44
N VAL A 344 -17.72 -10.62 3.27
CA VAL A 344 -19.14 -10.54 2.96
C VAL A 344 -19.63 -9.09 2.92
N GLY A 345 -18.74 -8.14 2.65
CA GLY A 345 -19.14 -6.78 2.39
C GLY A 345 -19.33 -5.88 3.58
N LYS A 346 -18.88 -6.30 4.76
CA LYS A 346 -18.99 -5.48 5.96
C LYS A 346 -17.72 -4.66 6.15
N LEU A 347 -17.89 -3.40 6.55
CA LEU A 347 -16.80 -2.47 6.77
C LEU A 347 -16.60 -2.23 8.26
N TYR A 348 -15.35 -2.30 8.70
CA TYR A 348 -15.00 -2.00 10.09
C TYR A 348 -14.15 -0.74 10.11
N VAL A 349 -14.48 0.17 11.01
CA VAL A 349 -13.76 1.44 11.13
C VAL A 349 -13.39 1.64 12.59
N TRP A 350 -12.09 1.76 12.85
CA TRP A 350 -11.58 1.94 14.21
C TRP A 350 -11.13 3.39 14.39
N ASP A 351 -11.66 4.03 15.42
CA ASP A 351 -11.22 5.34 15.86
C ASP A 351 -9.94 5.16 16.69
N LEU A 352 -8.81 5.63 16.17
CA LEU A 352 -7.53 5.46 16.85
C LEU A 352 -7.19 6.63 17.77
N GLU A 353 -8.09 7.62 17.90
CA GLU A 353 -7.82 8.81 18.71
C GLU A 353 -8.11 8.52 20.19
N VAL A 354 -7.31 7.59 20.74
CA VAL A 354 -7.40 7.15 22.13
C VAL A 354 -5.97 7.00 22.66
N GLU A 355 -5.85 6.87 23.98
CA GLU A 355 -4.52 6.93 24.60
C GLU A 355 -3.68 5.70 24.28
N ASP A 356 -4.30 4.55 24.05
CA ASP A 356 -3.53 3.33 23.84
C ASP A 356 -4.18 2.53 22.71
N PRO A 357 -3.39 1.74 21.99
CA PRO A 357 -3.96 1.01 20.84
C PRO A 357 -5.17 0.16 21.18
N HIS A 358 -5.14 -0.59 22.31
CA HIS A 358 -6.22 -1.52 22.63
C HIS A 358 -7.50 -0.81 23.04
N LYS A 359 -7.48 0.51 23.19
CA LYS A 359 -8.67 1.27 23.52
C LYS A 359 -9.42 1.76 22.30
N ALA A 360 -8.97 1.38 21.10
CA ALA A 360 -9.59 1.86 19.87
C ALA A 360 -11.08 1.54 19.88
N LYS A 361 -11.87 2.47 19.35
CA LYS A 361 -13.31 2.33 19.25
C LYS A 361 -13.69 1.93 17.83
N CYS A 362 -14.53 0.91 17.72
CA CYS A 362 -14.90 0.37 16.42
C CYS A 362 -16.34 0.69 16.09
N THR A 363 -16.59 1.02 14.82
CA THR A 363 -17.93 1.12 14.29
CA THR A 363 -17.93 1.12 14.29
C THR A 363 -17.99 0.32 13.00
N THR A 364 -19.18 -0.17 12.68
CA THR A 364 -19.35 -1.03 11.51
C THR A 364 -20.36 -0.42 10.55
N LEU A 365 -20.11 -0.63 9.26
CA LEU A 365 -20.93 -0.08 8.19
C LEU A 365 -21.35 -1.22 7.27
N THR A 366 -22.66 -1.39 7.10
CA THR A 366 -23.20 -2.40 6.22
C THR A 366 -24.27 -1.79 5.33
N HIS A 367 -24.47 -2.42 4.17
CA HIS A 367 -25.57 -2.11 3.29
C HIS A 367 -26.14 -3.42 2.76
N HIS A 368 -27.47 -3.53 2.74
CA HIS A 368 -28.10 -4.81 2.38
C HIS A 368 -27.73 -5.26 0.97
N LYS A 369 -27.27 -4.36 0.11
CA LYS A 369 -26.89 -4.72 -1.25
C LYS A 369 -25.39 -4.92 -1.43
N CYS A 370 -24.59 -4.69 -0.38
CA CYS A 370 -23.14 -4.87 -0.46
C CYS A 370 -22.77 -6.18 0.23
N GLY A 371 -22.54 -7.23 -0.57
CA GLY A 371 -22.30 -8.55 -0.01
C GLY A 371 -21.04 -9.24 -0.49
N ALA A 372 -20.27 -8.59 -1.36
CA ALA A 372 -19.05 -9.14 -1.94
C ALA A 372 -17.81 -8.68 -1.16
N ALA A 373 -16.75 -9.47 -1.25
CA ALA A 373 -15.55 -9.23 -0.45
C ALA A 373 -14.95 -7.87 -0.78
N ILE A 374 -14.62 -7.11 0.26
CA ILE A 374 -14.01 -5.79 0.12
C ILE A 374 -12.51 -5.94 0.20
N ARG A 375 -11.81 -5.72 -0.92
CA ARG A 375 -10.38 -5.97 -1.02
C ARG A 375 -9.56 -4.83 -0.44
N GLN A 376 -9.99 -3.59 -0.65
CA GLN A 376 -9.30 -2.44 -0.11
C GLN A 376 -10.28 -1.27 0.02
N THR A 377 -9.94 -0.32 0.88
CA THR A 377 -10.69 0.90 1.08
C THR A 377 -9.73 2.07 1.02
N SER A 378 -10.29 3.27 0.86
CA SER A 378 -9.48 4.49 0.78
C SER A 378 -10.29 5.67 1.31
N PHE A 379 -9.68 6.43 2.22
CA PHE A 379 -10.25 7.70 2.68
C PHE A 379 -9.78 8.82 1.76
N SER A 380 -10.66 9.77 1.50
CA SER A 380 -10.21 11.02 0.89
C SER A 380 -9.27 11.74 1.87
N ARG A 381 -8.52 12.71 1.34
CA ARG A 381 -7.53 13.38 2.17
C ARG A 381 -8.17 14.14 3.33
N ASP A 382 -9.38 14.66 3.14
CA ASP A 382 -10.08 15.34 4.23
C ASP A 382 -10.92 14.38 5.07
N SER A 383 -10.85 13.07 4.81
CA SER A 383 -11.50 12.00 5.55
C SER A 383 -13.02 12.06 5.48
N SER A 384 -13.60 12.87 4.60
CA SER A 384 -15.05 12.96 4.51
C SER A 384 -15.67 11.83 3.69
N ILE A 385 -14.88 11.15 2.87
CA ILE A 385 -15.36 10.10 1.98
C ILE A 385 -14.55 8.83 2.19
N LEU A 386 -15.23 7.69 2.25
CA LEU A 386 -14.58 6.38 2.30
C LEU A 386 -15.09 5.55 1.13
N ILE A 387 -14.16 5.03 0.33
CA ILE A 387 -14.47 4.22 -0.85
C ILE A 387 -14.03 2.79 -0.59
N ALA A 388 -14.91 1.84 -0.88
CA ALA A 388 -14.61 0.41 -0.77
C ALA A 388 -14.81 -0.25 -2.13
N VAL A 389 -13.94 -1.21 -2.47
CA VAL A 389 -14.02 -1.91 -3.75
C VAL A 389 -14.05 -3.42 -3.50
N CYS A 390 -14.77 -4.14 -4.38
CA CYS A 390 -15.22 -5.50 -4.12
C CYS A 390 -14.85 -6.47 -5.23
N ASP A 391 -14.93 -7.76 -4.88
CA ASP A 391 -14.62 -8.85 -5.79
C ASP A 391 -15.58 -8.92 -6.96
N ASP A 392 -16.76 -8.32 -6.85
CA ASP A 392 -17.72 -8.29 -7.95
C ASP A 392 -17.58 -7.03 -8.80
N ALA A 393 -16.46 -6.32 -8.69
CA ALA A 393 -16.16 -5.08 -9.41
C ALA A 393 -17.03 -3.91 -8.98
N SER A 394 -17.66 -4.00 -7.82
CA SER A 394 -18.50 -2.89 -7.38
C SER A 394 -17.69 -1.91 -6.54
N ILE A 395 -18.18 -0.69 -6.49
CA ILE A 395 -17.53 0.42 -5.81
C ILE A 395 -18.57 1.06 -4.89
N TRP A 396 -18.21 1.27 -3.63
CA TRP A 396 -19.16 1.77 -2.63
C TRP A 396 -18.61 3.05 -2.01
N ARG A 397 -19.43 4.09 -1.97
CA ARG A 397 -19.01 5.40 -1.47
C ARG A 397 -19.75 5.71 -0.18
N TRP A 398 -18.98 6.01 0.87
CA TRP A 398 -19.51 6.33 2.20
C TRP A 398 -19.08 7.74 2.56
N ASP A 399 -20.04 8.62 2.85
CA ASP A 399 -19.75 10.00 3.18
C ASP A 399 -19.99 10.24 4.66
N ARG A 400 -19.06 10.97 5.28
CA ARG A 400 -19.18 11.33 6.69
C ARG A 400 -20.33 12.32 6.84
N LEU A 401 -21.46 11.84 7.35
CA LEU A 401 -22.64 12.67 7.54
C LEU A 401 -22.93 12.86 9.02
C1 9JL B . -6.55 -13.18 -7.09
C13 9JL B . -8.50 -14.34 -6.18
C14 9JL B . -9.73 -15.24 -6.34
C15 9JL B . -11.95 -15.42 -7.27
C17 9JL B . -8.17 -13.86 -4.92
C19 9JL B . -6.24 -12.70 -5.80
N 9JL B . -10.85 -14.49 -6.97
C 9JL B . -5.70 -12.83 -8.31
O 9JL B . -5.35 -6.98 -0.51
C12 9JL B . -7.68 -14.00 -7.27
C16 9JL B . -11.39 -13.40 -6.11
C18 9JL B . -7.06 -13.04 -4.73
C1A 9JL B . -5.10 -11.83 -5.50
C1B 9JL B . -5.33 -10.57 -5.00
C1C 9JL B . -3.07 -10.08 -4.86
C1D 9JL B . -2.27 -7.91 -4.04
C1E 9JL B . -2.58 -7.92 -2.56
C1F 9JL B . -3.82 -7.47 -2.11
C1G 9JL B . -4.10 -7.45 -0.76
C1H 9JL B . -3.20 -7.88 0.21
C1I 9JL B . -1.96 -8.35 -0.22
C1K 9JL B . -4.99 -6.95 -2.91
C1L 9JL B . -6.02 -6.65 -1.77
C1M 9JL B . -1.67 -8.35 -1.59
C1N 9JL B . -3.74 -12.25 -5.69
C1O 9JL B . -1.86 -13.17 -6.09
C1P 9JL B . -0.87 -14.15 -6.51
C1Q 9JL B . -1.57 -11.93 -5.62
F 9JL B . -0.46 -8.81 -1.97
N1 9JL B . -4.31 -9.70 -4.68
N12 9JL B . -2.03 -9.26 -4.55
N13 9JL B . -2.76 -11.35 -5.37
N14 9JL B . -3.21 -13.36 -6.14
N15 9JL B . -0.10 -14.91 -6.83
C FMT C . -26.67 3.31 -2.72
O1 FMT C . -27.33 3.97 -1.93
O2 FMT C . -26.80 2.09 -2.89
C FMT D . -18.75 -8.09 14.24
O1 FMT D . -17.87 -8.67 13.61
O2 FMT D . -19.23 -8.48 15.31
#